data_4RAK
#
_entry.id   4RAK
#
_cell.length_a   55.820
_cell.length_b   120.630
_cell.length_c   176.250
_cell.angle_alpha   90.00
_cell.angle_beta   90.00
_cell.angle_gamma   90.00
#
_symmetry.space_group_name_H-M   'I 21 21 21'
#
loop_
_entity.id
_entity.type
_entity.pdbx_description
1 polymer 'Oxysterols receptor LXR-beta'
2 non-polymer 1,4-BUTANEDIOL
3 non-polymer "2-{2-[2-(2-chlorophenyl)propan-2-yl]-1-[3'-(methylsulfonyl)biphenyl-4-yl]-1H-imidazol-4-yl}propan-2-ol"
4 water water
#
_entity_poly.entity_id   1
_entity_poly.type   'polypeptide(L)'
_entity_poly.pdbx_seq_one_letter_code
;MHHHHHHGENLYFQGSEGEGVQLTAAQELMIQQLVAAQLQCNKRSFSDQPKVTPWPLGADPQSRDARQQRFAHFTELAII
SVQEIVDFAKQVPGFLQLGREDQIALLKASTIEIMLLETARRYNHETECITFLKDFTYSKDDFHRAGLQVEFINPIFEFS
RAMRRLGLDDAEYALLIAINIFSADRPNVQEPGRVEALQQPYVEALLSYTRIKRPQDQLRFPRMLMKLVSLRTLSSVHSE
QVFALRLQDKKLPPLLSEIWDVHE
;
_entity_poly.pdbx_strand_id   A,B
#
loop_
_chem_comp.id
_chem_comp.type
_chem_comp.name
_chem_comp.formula
652 non-polymer 2-{2-[2-(2-chlorophenyl)propan-2-yl]-1-[3'-(methylsulfonyl)biphenyl-4-yl]-1H-imidazol-4-yl}propan-2-ol 'C28 H29 Cl N2 O3 S'
BU1 non-polymer 1,4-BUTANEDIOL 'C4 H10 O2'
#
# COMPACT_ATOMS: atom_id res chain seq x y z
N VAL A 21 -24.00 -19.12 8.36
CA VAL A 21 -22.69 -18.45 8.26
C VAL A 21 -21.90 -18.64 9.55
N GLN A 22 -21.16 -19.76 9.62
CA GLN A 22 -20.40 -20.15 10.80
C GLN A 22 -18.96 -20.53 10.42
N LEU A 23 -18.00 -20.25 11.32
CA LEU A 23 -16.60 -20.60 11.08
C LEU A 23 -16.48 -22.12 10.92
N THR A 24 -15.60 -22.51 10.05
CA THR A 24 -15.13 -23.88 9.81
C THR A 24 -14.28 -24.30 11.04
N ALA A 25 -14.17 -25.61 11.30
CA ALA A 25 -13.38 -26.09 12.45
C ALA A 25 -11.90 -25.77 12.26
N ALA A 26 -11.42 -25.77 11.01
CA ALA A 26 -10.03 -25.44 10.68
C ALA A 26 -9.73 -23.93 10.95
N GLN A 27 -10.71 -23.07 10.66
CA GLN A 27 -10.66 -21.64 10.88
C GLN A 27 -10.69 -21.30 12.36
N GLU A 28 -11.62 -21.89 13.10
CA GLU A 28 -11.79 -21.67 14.55
C GLU A 28 -10.55 -22.09 15.35
N LEU A 29 -9.96 -23.23 15.00
CA LEU A 29 -8.77 -23.72 15.71
C LEU A 29 -7.55 -22.88 15.37
N MET A 30 -7.41 -22.48 14.10
CA MET A 30 -6.31 -21.60 13.68
C MET A 30 -6.40 -20.24 14.39
N ILE A 31 -7.58 -19.63 14.38
CA ILE A 31 -7.77 -18.33 15.04
C ILE A 31 -7.41 -18.46 16.52
N GLN A 32 -7.90 -19.54 17.18
CA GLN A 32 -7.53 -19.83 18.58
C GLN A 32 -6.02 -19.95 18.73
N GLN A 33 -5.35 -20.70 17.83
CA GLN A 33 -3.91 -20.93 17.84
C GLN A 33 -3.17 -19.58 17.76
N LEU A 34 -3.57 -18.75 16.76
CA LEU A 34 -3.05 -17.42 16.53
C LEU A 34 -3.20 -16.52 17.74
N VAL A 35 -4.41 -16.46 18.34
CA VAL A 35 -4.68 -15.66 19.54
C VAL A 35 -3.89 -16.23 20.77
N ALA A 36 -3.73 -17.56 20.83
CA ALA A 36 -2.96 -18.20 21.89
C ALA A 36 -1.48 -17.83 21.79
N ALA A 37 -0.90 -17.94 20.58
CA ALA A 37 0.48 -17.56 20.29
C ALA A 37 0.74 -16.06 20.59
N GLN A 38 -0.21 -15.20 20.23
CA GLN A 38 -0.20 -13.76 20.48
C GLN A 38 -0.15 -13.47 22.01
N LEU A 39 -0.87 -14.28 22.81
CA LEU A 39 -0.95 -14.15 24.28
C LEU A 39 0.35 -14.56 24.97
N GLN A 40 0.89 -15.75 24.64
CA GLN A 40 2.13 -16.24 25.26
C GLN A 40 3.33 -15.38 24.90
N CYS A 41 3.31 -14.74 23.72
CA CYS A 41 4.37 -13.82 23.30
C CYS A 41 4.40 -12.57 24.18
N ASN A 42 3.22 -11.97 24.42
CA ASN A 42 3.08 -10.80 25.31
C ASN A 42 3.44 -11.16 26.75
N LYS A 43 2.94 -12.34 27.22
CA LYS A 43 3.17 -12.92 28.56
C LYS A 43 4.65 -12.99 28.91
N ARG A 44 5.45 -13.60 28.03
CA ARG A 44 6.91 -13.79 28.17
C ARG A 44 7.65 -12.44 28.29
N SER A 45 7.19 -11.45 27.52
CA SER A 45 7.75 -10.10 27.51
C SER A 45 7.55 -9.31 28.81
N PHE A 46 6.48 -9.62 29.58
CA PHE A 46 6.21 -8.94 30.86
C PHE A 46 7.28 -9.27 31.94
N SER A 47 8.01 -10.39 31.76
CA SER A 47 9.10 -10.82 32.65
C SER A 47 10.30 -9.88 32.52
N ASP A 48 10.44 -9.24 31.34
CA ASP A 48 11.50 -8.29 31.03
C ASP A 48 11.19 -6.86 31.54
N GLN A 49 9.96 -6.63 32.05
CA GLN A 49 9.51 -5.32 32.55
C GLN A 49 10.49 -4.70 33.58
N PRO A 50 10.95 -5.43 34.63
CA PRO A 50 11.93 -4.82 35.54
C PRO A 50 13.39 -4.89 35.04
N LYS A 51 13.62 -5.62 33.92
CA LYS A 51 14.95 -5.74 33.31
C LYS A 51 15.38 -4.51 32.50
N VAL A 52 14.43 -3.85 31.80
CA VAL A 52 14.73 -2.67 30.96
C VAL A 52 15.03 -1.42 31.77
N THR A 53 15.75 -0.44 31.19
CA THR A 53 16.12 0.81 31.87
C THR A 53 14.86 1.53 32.31
N PRO A 54 14.79 2.01 33.57
CA PRO A 54 13.54 2.61 34.04
C PRO A 54 13.23 3.94 33.38
N TRP A 55 11.94 4.23 33.22
CA TRP A 55 11.45 5.49 32.64
C TRP A 55 11.80 6.59 33.64
N PRO A 56 12.54 7.64 33.22
CA PRO A 56 12.93 8.67 34.19
C PRO A 56 11.77 9.57 34.66
N LEU A 57 11.65 9.67 35.98
CA LEU A 57 10.67 10.52 36.66
C LEU A 57 11.39 11.42 37.67
N GLY A 58 10.83 12.61 37.86
CA GLY A 58 11.31 13.56 38.86
C GLY A 58 12.55 14.35 38.49
N ALA A 59 13.03 14.14 37.26
CA ALA A 59 14.28 14.76 36.81
C ALA A 59 14.01 16.17 36.37
N ASP A 60 15.08 16.91 36.13
CA ASP A 60 14.96 18.24 35.59
C ASP A 60 14.30 18.11 34.23
N PRO A 61 13.18 18.90 34.00
CA PRO A 61 12.55 18.64 32.72
C PRO A 61 13.44 18.93 31.50
N GLN A 62 14.53 19.65 31.63
CA GLN A 62 15.42 19.87 30.50
C GLN A 62 16.64 18.93 30.50
N SER A 63 16.65 17.93 31.37
CA SER A 63 17.77 17.03 31.60
C SER A 63 18.21 16.15 30.44
N ARG A 64 19.49 16.19 30.10
CA ARG A 64 20.05 15.40 29.03
C ARG A 64 20.02 13.91 29.33
N ASP A 65 20.47 13.54 30.53
CA ASP A 65 20.47 12.19 31.07
C ASP A 65 19.08 11.55 31.04
N ALA A 66 18.03 12.34 31.33
CA ALA A 66 16.65 11.88 31.34
C ALA A 66 16.17 11.57 29.93
N ARG A 67 16.43 12.51 28.99
CA ARG A 67 16.10 12.40 27.57
C ARG A 67 16.83 11.21 26.94
N GLN A 68 18.08 10.96 27.37
CA GLN A 68 18.87 9.82 26.92
C GLN A 68 18.37 8.52 27.54
N GLN A 69 17.81 8.58 28.76
CA GLN A 69 17.24 7.41 29.45
C GLN A 69 15.93 7.02 28.74
N ARG A 70 15.05 8.01 28.48
CA ARG A 70 13.77 7.85 27.75
C ARG A 70 14.03 7.16 26.40
N PHE A 71 15.01 7.68 25.64
CA PHE A 71 15.42 7.16 24.36
C PHE A 71 15.90 5.71 24.43
N ALA A 72 16.78 5.40 25.41
CA ALA A 72 17.33 4.04 25.57
C ALA A 72 16.27 3.03 26.00
N HIS A 73 15.20 3.51 26.65
CA HIS A 73 14.07 2.71 27.11
C HIS A 73 13.18 2.34 25.92
N PHE A 74 12.87 3.32 25.05
CA PHE A 74 12.09 3.10 23.83
C PHE A 74 12.84 2.20 22.85
N THR A 75 14.19 2.29 22.83
CA THR A 75 15.09 1.44 22.04
C THR A 75 14.95 0.01 22.52
N GLU A 76 14.90 -0.18 23.85
CA GLU A 76 14.76 -1.48 24.51
C GLU A 76 13.39 -2.11 24.27
N LEU A 77 12.33 -1.29 24.30
CA LEU A 77 10.94 -1.71 24.04
C LEU A 77 10.82 -2.23 22.58
N ALA A 78 11.56 -1.59 21.65
CA ALA A 78 11.64 -2.00 20.25
C ALA A 78 12.41 -3.32 20.12
N ILE A 79 13.46 -3.51 20.94
CA ILE A 79 14.27 -4.72 20.89
C ILE A 79 13.44 -5.92 21.38
N ILE A 80 12.56 -5.68 22.36
CA ILE A 80 11.66 -6.71 22.89
C ILE A 80 10.63 -7.06 21.79
N SER A 81 10.07 -6.03 21.14
CA SER A 81 9.11 -6.16 20.06
C SER A 81 9.62 -7.08 18.97
N VAL A 82 10.85 -6.85 18.51
CA VAL A 82 11.49 -7.69 17.48
C VAL A 82 11.46 -9.16 17.84
N GLN A 83 11.91 -9.52 19.06
CA GLN A 83 11.97 -10.91 19.51
C GLN A 83 10.57 -11.53 19.60
N GLU A 84 9.60 -10.73 20.02
CA GLU A 84 8.19 -11.07 20.11
C GLU A 84 7.62 -11.36 18.73
N ILE A 85 8.01 -10.51 17.73
CA ILE A 85 7.61 -10.65 16.33
C ILE A 85 8.13 -11.98 15.77
N VAL A 86 9.40 -12.29 16.05
CA VAL A 86 10.02 -13.51 15.57
C VAL A 86 9.33 -14.74 16.20
N ASP A 87 9.07 -14.69 17.51
CA ASP A 87 8.47 -15.81 18.27
C ASP A 87 7.06 -16.10 17.77
N PHE A 88 6.29 -15.02 17.47
CA PHE A 88 4.93 -15.11 16.96
C PHE A 88 4.91 -15.73 15.55
N ALA A 89 5.81 -15.28 14.68
CA ALA A 89 5.92 -15.72 13.31
C ALA A 89 6.19 -17.20 13.23
N LYS A 90 7.19 -17.68 14.00
CA LYS A 90 7.54 -19.10 14.07
C LYS A 90 6.32 -19.98 14.39
N GLN A 91 5.32 -19.43 15.08
CA GLN A 91 4.06 -20.12 15.45
C GLN A 91 2.90 -19.93 14.48
N VAL A 92 3.12 -19.17 13.38
CA VAL A 92 2.09 -18.96 12.36
C VAL A 92 2.15 -20.14 11.38
N PRO A 93 1.06 -20.96 11.30
CA PRO A 93 1.09 -22.14 10.42
C PRO A 93 1.57 -21.87 9.00
N GLY A 94 2.58 -22.60 8.61
CA GLY A 94 3.15 -22.50 7.27
C GLY A 94 4.44 -21.68 7.20
N PHE A 95 4.67 -20.78 8.17
CA PHE A 95 5.88 -19.89 8.15
C PHE A 95 7.19 -20.70 8.15
N LEU A 96 7.24 -21.77 8.96
CA LEU A 96 8.45 -22.57 9.07
C LEU A 96 8.59 -23.51 7.85
N GLN A 97 7.56 -23.63 7.01
CA GLN A 97 7.57 -24.39 5.75
C GLN A 97 8.47 -23.73 4.72
N LEU A 98 8.54 -22.39 4.73
CA LEU A 98 9.37 -21.60 3.81
C LEU A 98 10.86 -21.81 4.09
N GLY A 99 11.71 -21.47 3.13
CA GLY A 99 13.16 -21.51 3.33
C GLY A 99 13.59 -20.37 4.27
N ARG A 100 14.66 -20.63 5.05
CA ARG A 100 15.21 -19.67 6.02
C ARG A 100 15.49 -18.28 5.43
N GLU A 101 16.02 -18.24 4.22
CA GLU A 101 16.27 -16.98 3.53
C GLU A 101 14.96 -16.18 3.37
N ASP A 102 13.85 -16.83 2.93
CA ASP A 102 12.56 -16.12 2.78
C ASP A 102 11.97 -15.72 4.11
N GLN A 103 12.15 -16.54 5.15
CA GLN A 103 11.71 -16.27 6.51
C GLN A 103 12.32 -14.97 7.02
N ILE A 104 13.63 -14.78 6.78
CA ILE A 104 14.39 -13.60 7.16
C ILE A 104 13.91 -12.39 6.35
N ALA A 105 13.85 -12.55 5.02
CA ALA A 105 13.42 -11.51 4.07
C ALA A 105 12.05 -10.96 4.45
N LEU A 106 11.12 -11.88 4.75
CA LEU A 106 9.73 -11.57 5.16
C LEU A 106 9.70 -10.84 6.49
N LEU A 107 10.50 -11.32 7.48
CA LEU A 107 10.55 -10.64 8.78
C LEU A 107 11.28 -9.28 8.74
N LYS A 108 12.36 -9.15 7.96
CA LYS A 108 13.08 -7.87 7.85
C LYS A 108 12.14 -6.79 7.34
N ALA A 109 11.42 -7.10 6.25
CA ALA A 109 10.49 -6.19 5.63
C ALA A 109 9.20 -5.92 6.41
N SER A 110 8.73 -6.83 7.27
CA SER A 110 7.47 -6.58 7.97
C SER A 110 7.56 -6.09 9.42
N THR A 111 8.73 -6.21 10.06
CA THR A 111 8.93 -5.84 11.47
C THR A 111 8.28 -4.49 11.82
N ILE A 112 8.62 -3.46 11.07
CA ILE A 112 8.13 -2.10 11.30
C ILE A 112 6.62 -2.00 11.11
N GLU A 113 6.06 -2.71 10.13
CA GLU A 113 4.62 -2.70 9.89
C GLU A 113 3.89 -3.43 11.02
N ILE A 114 4.47 -4.51 11.53
CA ILE A 114 3.91 -5.28 12.67
C ILE A 114 3.95 -4.43 13.96
N MET A 115 5.09 -3.74 14.23
CA MET A 115 5.25 -2.83 15.38
C MET A 115 4.14 -1.79 15.41
N LEU A 116 3.85 -1.22 14.26
CA LEU A 116 2.84 -0.19 14.09
C LEU A 116 1.42 -0.75 14.32
N LEU A 117 1.16 -1.97 13.82
CA LEU A 117 -0.12 -2.65 13.93
C LEU A 117 -0.35 -2.96 15.43
N GLU A 118 0.68 -3.51 16.07
CA GLU A 118 0.70 -3.84 17.50
C GLU A 118 0.48 -2.58 18.39
N THR A 119 1.05 -1.44 18.00
CA THR A 119 0.93 -0.15 18.69
C THR A 119 -0.52 0.33 18.69
N ALA A 120 -1.18 0.24 17.53
CA ALA A 120 -2.57 0.58 17.34
C ALA A 120 -3.47 -0.29 18.24
N ARG A 121 -3.12 -1.58 18.38
CA ARG A 121 -3.86 -2.54 19.24
C ARG A 121 -3.80 -2.11 20.71
N ARG A 122 -2.71 -1.44 21.09
CA ARG A 122 -2.41 -1.01 22.45
C ARG A 122 -2.78 0.45 22.72
N TYR A 123 -3.44 1.08 21.74
CA TYR A 123 -3.87 2.46 21.88
C TYR A 123 -5.25 2.56 22.52
N ASN A 124 -5.39 3.52 23.46
CA ASN A 124 -6.61 3.81 24.20
C ASN A 124 -7.13 5.19 23.79
N HIS A 125 -8.33 5.26 23.16
CA HIS A 125 -8.89 6.54 22.67
C HIS A 125 -9.44 7.47 23.77
N GLU A 126 -9.69 6.92 24.97
CA GLU A 126 -10.19 7.71 26.10
C GLU A 126 -9.04 8.48 26.77
N THR A 127 -7.90 7.81 26.97
CA THR A 127 -6.70 8.40 27.58
C THR A 127 -5.77 9.04 26.54
N GLU A 128 -5.91 8.61 25.25
CA GLU A 128 -5.07 8.98 24.11
C GLU A 128 -3.62 8.54 24.32
N CYS A 129 -3.44 7.45 25.10
CA CYS A 129 -2.16 6.88 25.49
C CYS A 129 -1.97 5.44 24.97
N ILE A 130 -0.72 5.08 24.70
CA ILE A 130 -0.33 3.77 24.17
C ILE A 130 0.33 2.98 25.29
N THR A 131 -0.08 1.71 25.46
CA THR A 131 0.46 0.83 26.50
C THR A 131 1.48 -0.12 25.93
N PHE A 132 2.74 0.08 26.28
CA PHE A 132 3.79 -0.83 25.87
C PHE A 132 3.95 -1.82 26.97
N LEU A 133 4.34 -3.04 26.62
CA LEU A 133 4.26 -4.17 27.54
C LEU A 133 2.82 -4.19 27.97
N LYS A 134 2.52 -4.44 29.23
CA LYS A 134 1.13 -4.20 29.64
C LYS A 134 0.94 -3.27 30.79
N ASP A 135 2.03 -2.76 31.33
CA ASP A 135 1.95 -1.71 32.32
C ASP A 135 2.28 -0.30 31.86
N PHE A 136 3.36 -0.13 31.12
CA PHE A 136 3.86 1.19 30.75
C PHE A 136 2.90 1.91 29.82
N THR A 137 2.63 3.16 30.12
CA THR A 137 1.68 3.93 29.32
C THR A 137 2.31 5.26 28.93
N TYR A 138 2.21 5.62 27.62
CA TYR A 138 2.82 6.83 27.06
C TYR A 138 1.86 7.68 26.22
N SER A 139 1.95 8.99 26.39
CA SER A 139 1.15 9.95 25.64
C SER A 139 1.99 10.48 24.46
N LYS A 140 1.37 11.22 23.54
CA LYS A 140 2.06 11.80 22.37
C LYS A 140 3.32 12.56 22.83
N ASP A 141 3.16 13.42 23.85
CA ASP A 141 4.23 14.23 24.41
C ASP A 141 5.38 13.39 24.99
N ASP A 142 5.08 12.21 25.55
CA ASP A 142 6.12 11.31 26.09
C ASP A 142 7.11 10.84 25.01
N PHE A 143 6.62 10.69 23.77
CA PHE A 143 7.44 10.31 22.62
C PHE A 143 8.27 11.51 22.18
N HIS A 144 7.67 12.71 22.24
CA HIS A 144 8.33 13.98 21.93
C HIS A 144 9.46 14.27 22.91
N ARG A 145 9.23 14.01 24.20
CA ARG A 145 10.20 14.25 25.26
C ARG A 145 11.39 13.28 25.24
N ALA A 146 11.26 12.18 24.52
CA ALA A 146 12.37 11.26 24.26
C ALA A 146 13.13 11.62 23.00
N GLY A 147 12.72 12.73 22.40
CA GLY A 147 13.36 13.29 21.22
C GLY A 147 13.07 12.52 19.96
N LEU A 148 12.03 11.70 19.97
CA LEU A 148 11.61 11.00 18.77
C LEU A 148 11.10 12.07 17.81
N GLN A 149 11.15 11.75 16.52
CA GLN A 149 11.10 12.75 15.46
C GLN A 149 9.88 13.67 15.37
N VAL A 150 8.68 13.12 15.33
CA VAL A 150 7.39 13.84 15.23
C VAL A 150 6.80 13.95 13.84
N GLU A 151 7.68 13.82 12.86
CA GLU A 151 7.30 13.53 11.50
C GLU A 151 6.70 12.16 11.51
N PHE A 152 7.20 11.33 12.42
CA PHE A 152 6.78 9.95 12.52
C PHE A 152 5.88 9.69 13.73
N ILE A 153 5.99 10.53 14.79
CA ILE A 153 5.15 10.39 15.99
C ILE A 153 3.66 10.68 15.68
N ASN A 154 3.38 11.78 14.98
CA ASN A 154 2.01 12.15 14.62
C ASN A 154 1.37 11.03 13.77
N PRO A 155 2.04 10.56 12.66
CA PRO A 155 1.47 9.45 11.88
C PRO A 155 1.16 8.19 12.69
N ILE A 156 1.99 7.85 13.70
CA ILE A 156 1.75 6.70 14.58
C ILE A 156 0.42 6.87 15.31
N PHE A 157 0.16 8.08 15.84
CA PHE A 157 -1.06 8.37 16.57
C PHE A 157 -2.28 8.40 15.67
N GLU A 158 -2.18 8.94 14.47
CA GLU A 158 -3.34 8.99 13.59
C GLU A 158 -3.69 7.61 13.00
N PHE A 159 -2.68 6.72 12.84
CA PHE A 159 -2.91 5.35 12.38
C PHE A 159 -3.65 4.61 13.50
N SER A 160 -3.22 4.83 14.74
CA SER A 160 -3.85 4.20 15.92
C SER A 160 -5.32 4.63 16.09
N ARG A 161 -5.62 5.90 15.80
CA ARG A 161 -6.97 6.43 15.89
C ARG A 161 -7.85 5.86 14.79
N ALA A 162 -7.31 5.75 13.57
CA ALA A 162 -8.03 5.18 12.43
C ALA A 162 -8.37 3.70 12.66
N MET A 163 -7.43 2.94 13.28
CA MET A 163 -7.58 1.51 13.58
C MET A 163 -8.63 1.28 14.69
N ARG A 164 -8.69 2.22 15.65
CA ARG A 164 -9.68 2.19 16.73
C ARG A 164 -11.10 2.24 16.16
N ARG A 165 -11.35 3.10 15.16
CA ARG A 165 -12.67 3.30 14.54
C ARG A 165 -13.16 2.10 13.72
N LEU A 166 -12.28 1.12 13.48
CA LEU A 166 -12.58 -0.11 12.78
C LEU A 166 -12.99 -1.18 13.82
N GLY A 167 -12.72 -0.87 15.08
CA GLY A 167 -13.04 -1.70 16.23
C GLY A 167 -12.61 -3.14 16.11
N LEU A 168 -11.32 -3.35 15.85
CA LEU A 168 -10.75 -4.68 15.74
C LEU A 168 -10.61 -5.36 17.07
N ASP A 169 -10.68 -6.70 17.06
CA ASP A 169 -10.41 -7.50 18.24
C ASP A 169 -9.09 -8.25 18.08
N ASP A 170 -8.64 -8.94 19.12
CA ASP A 170 -7.39 -9.66 19.12
C ASP A 170 -7.21 -10.67 17.96
N ALA A 171 -8.31 -11.29 17.51
CA ALA A 171 -8.30 -12.26 16.41
C ALA A 171 -8.03 -11.57 15.10
N GLU A 172 -8.68 -10.42 14.87
CA GLU A 172 -8.56 -9.63 13.64
C GLU A 172 -7.15 -9.04 13.44
N TYR A 173 -6.52 -8.65 14.54
CA TYR A 173 -5.17 -8.15 14.57
C TYR A 173 -4.16 -9.25 14.25
N ALA A 174 -4.29 -10.42 14.91
CA ALA A 174 -3.41 -11.57 14.68
C ALA A 174 -3.48 -12.04 13.23
N LEU A 175 -4.68 -12.00 12.66
CA LEU A 175 -4.98 -12.39 11.27
C LEU A 175 -4.34 -11.39 10.28
N LEU A 176 -4.49 -10.09 10.58
CA LEU A 176 -3.92 -8.97 9.74
C LEU A 176 -2.40 -9.04 9.75
N ILE A 177 -1.82 -9.37 10.90
CA ILE A 177 -0.38 -9.53 11.09
C ILE A 177 0.12 -10.73 10.24
N ALA A 178 -0.60 -11.86 10.28
CA ALA A 178 -0.26 -13.06 9.48
C ALA A 178 -0.32 -12.72 8.01
N ILE A 179 -1.40 -12.02 7.56
CA ILE A 179 -1.57 -11.58 6.18
C ILE A 179 -0.35 -10.69 5.82
N ASN A 180 0.03 -9.78 6.73
CA ASN A 180 1.16 -8.88 6.50
C ASN A 180 2.49 -9.64 6.34
N ILE A 181 2.73 -10.68 7.19
CA ILE A 181 3.94 -11.50 7.14
C ILE A 181 4.09 -12.15 5.75
N PHE A 182 2.99 -12.70 5.22
CA PHE A 182 3.04 -13.40 3.94
C PHE A 182 2.80 -12.50 2.70
N SER A 183 3.66 -11.50 2.50
CA SER A 183 3.58 -10.61 1.33
C SER A 183 4.61 -11.06 0.32
N ALA A 184 4.15 -11.49 -0.88
CA ALA A 184 5.00 -12.03 -1.94
C ALA A 184 5.97 -11.01 -2.53
N ASP A 185 5.56 -9.73 -2.57
CA ASP A 185 6.31 -8.56 -3.11
C ASP A 185 7.50 -8.03 -2.27
N ARG A 186 7.82 -8.63 -1.13
CA ARG A 186 8.95 -8.14 -0.32
C ARG A 186 10.29 -8.29 -1.01
N PRO A 187 11.26 -7.39 -0.76
CA PRO A 187 12.58 -7.56 -1.41
C PRO A 187 13.28 -8.86 -0.99
N ASN A 188 13.93 -9.50 -1.96
CA ASN A 188 14.78 -10.70 -1.75
C ASN A 188 14.02 -11.97 -1.44
N VAL A 189 12.73 -12.05 -1.82
CA VAL A 189 11.95 -13.26 -1.63
C VAL A 189 12.25 -14.13 -2.85
N GLN A 190 12.66 -15.39 -2.62
CA GLN A 190 13.02 -16.33 -3.69
C GLN A 190 11.85 -17.15 -4.20
N GLU A 191 10.88 -17.44 -3.31
CA GLU A 191 9.68 -18.19 -3.72
C GLU A 191 8.38 -17.39 -3.46
N PRO A 192 8.12 -16.27 -4.19
CA PRO A 192 6.89 -15.46 -3.93
C PRO A 192 5.58 -16.18 -4.12
N GLY A 193 5.54 -17.14 -5.05
CA GLY A 193 4.39 -18.01 -5.29
C GLY A 193 3.95 -18.80 -4.08
N ARG A 194 4.90 -19.31 -3.32
CA ARG A 194 4.59 -20.08 -2.11
C ARG A 194 4.14 -19.11 -1.01
N VAL A 195 4.81 -17.96 -0.92
CA VAL A 195 4.47 -16.95 0.10
C VAL A 195 3.03 -16.51 -0.13
N GLU A 196 2.66 -16.26 -1.37
CA GLU A 196 1.31 -15.79 -1.74
C GLU A 196 0.25 -16.87 -1.46
N ALA A 197 0.62 -18.12 -1.70
CA ALA A 197 -0.20 -19.30 -1.40
C ALA A 197 -0.49 -19.39 0.09
N LEU A 198 0.53 -19.16 0.93
CA LEU A 198 0.40 -19.27 2.39
C LEU A 198 -0.39 -18.14 3.03
N GLN A 199 -0.49 -17.00 2.34
CA GLN A 199 -1.28 -15.84 2.79
C GLN A 199 -2.78 -16.11 2.70
N GLN A 200 -3.23 -16.90 1.71
CA GLN A 200 -4.64 -17.17 1.44
C GLN A 200 -5.48 -17.70 2.60
N PRO A 201 -5.05 -18.69 3.41
CA PRO A 201 -5.94 -19.14 4.53
C PRO A 201 -6.24 -18.06 5.57
N TYR A 202 -5.34 -17.09 5.71
CA TYR A 202 -5.49 -15.97 6.66
C TYR A 202 -6.43 -14.93 6.08
N VAL A 203 -6.36 -14.70 4.76
CA VAL A 203 -7.31 -13.82 4.04
C VAL A 203 -8.75 -14.46 4.15
N GLU A 204 -8.86 -15.79 3.93
CA GLU A 204 -10.11 -16.56 4.05
C GLU A 204 -10.70 -16.48 5.42
N ALA A 205 -9.85 -16.71 6.43
CA ALA A 205 -10.28 -16.72 7.81
C ALA A 205 -10.73 -15.32 8.23
N LEU A 206 -10.04 -14.27 7.77
CA LEU A 206 -10.46 -12.88 8.08
C LEU A 206 -11.83 -12.52 7.43
N LEU A 207 -12.05 -12.93 6.21
CA LEU A 207 -13.29 -12.74 5.47
C LEU A 207 -14.46 -13.40 6.23
N SER A 208 -14.28 -14.65 6.67
CA SER A 208 -15.33 -15.36 7.42
C SER A 208 -15.59 -14.74 8.79
N TYR A 209 -14.53 -14.35 9.49
CA TYR A 209 -14.65 -13.77 10.84
C TYR A 209 -15.37 -12.43 10.78
N THR A 210 -15.03 -11.59 9.80
CA THR A 210 -15.65 -10.25 9.65
C THR A 210 -17.13 -10.41 9.23
N ARG A 211 -17.40 -11.37 8.35
CA ARG A 211 -18.74 -11.73 7.90
C ARG A 211 -19.68 -12.12 9.06
N ILE A 212 -19.18 -12.90 10.03
CA ILE A 212 -19.95 -13.29 11.23
C ILE A 212 -19.98 -12.14 12.25
N LYS A 213 -18.89 -11.38 12.37
CA LYS A 213 -18.81 -10.28 13.34
C LYS A 213 -19.77 -9.15 12.96
N ARG A 214 -19.76 -8.69 11.70
CA ARG A 214 -20.66 -7.61 11.26
C ARG A 214 -21.34 -8.01 9.95
N PRO A 215 -22.38 -8.87 10.04
CA PRO A 215 -23.05 -9.35 8.82
C PRO A 215 -23.69 -8.28 7.92
N GLN A 216 -24.09 -7.15 8.51
CA GLN A 216 -24.75 -6.06 7.75
CA GLN A 216 -24.74 -6.07 7.74
C GLN A 216 -23.75 -5.07 7.13
N ASP A 217 -22.49 -5.03 7.65
CA ASP A 217 -21.47 -4.10 7.13
C ASP A 217 -20.94 -4.52 5.73
N GLN A 218 -20.08 -5.54 5.63
CA GLN A 218 -19.50 -6.02 4.35
C GLN A 218 -18.37 -5.12 3.82
N LEU A 219 -18.29 -3.89 4.29
CA LEU A 219 -17.24 -2.97 3.91
C LEU A 219 -16.16 -2.92 4.96
N ARG A 220 -16.44 -3.45 6.17
CA ARG A 220 -15.48 -3.47 7.25
C ARG A 220 -14.23 -4.30 6.89
N PHE A 221 -14.42 -5.43 6.23
CA PHE A 221 -13.34 -6.29 5.76
C PHE A 221 -12.44 -5.53 4.73
N PRO A 222 -12.94 -5.05 3.57
CA PRO A 222 -12.07 -4.31 2.65
C PRO A 222 -11.40 -3.09 3.28
N ARG A 223 -12.08 -2.39 4.18
CA ARG A 223 -11.50 -1.24 4.89
C ARG A 223 -10.29 -1.69 5.72
N MET A 224 -10.41 -2.82 6.44
CA MET A 224 -9.35 -3.39 7.26
C MET A 224 -8.12 -3.68 6.39
N LEU A 225 -8.38 -4.42 5.30
CA LEU A 225 -7.37 -4.78 4.29
C LEU A 225 -6.69 -3.56 3.72
N MET A 226 -7.46 -2.45 3.60
CA MET A 226 -6.99 -1.17 3.05
C MET A 226 -5.98 -0.49 3.98
N LYS A 227 -6.04 -0.79 5.29
CA LYS A 227 -5.08 -0.27 6.26
C LYS A 227 -3.66 -0.81 6.04
N LEU A 228 -3.52 -1.94 5.29
CA LEU A 228 -2.23 -2.52 4.92
C LEU A 228 -1.58 -1.60 3.87
N VAL A 229 -2.42 -0.93 3.07
CA VAL A 229 -2.01 -0.01 2.01
C VAL A 229 -1.31 1.18 2.66
N SER A 230 -2.02 1.89 3.55
CA SER A 230 -1.51 3.05 4.27
C SER A 230 -0.33 2.65 5.18
N LEU A 231 -0.38 1.43 5.71
CA LEU A 231 0.69 0.88 6.52
C LEU A 231 1.99 0.71 5.68
N ARG A 232 1.85 0.31 4.41
CA ARG A 232 3.00 0.19 3.51
C ARG A 232 3.70 1.54 3.25
N THR A 233 2.94 2.63 3.12
CA THR A 233 3.48 3.99 2.98
C THR A 233 4.13 4.49 4.29
N LEU A 234 3.51 4.21 5.45
CA LEU A 234 4.10 4.55 6.75
C LEU A 234 5.48 3.93 6.98
N SER A 235 5.64 2.67 6.56
CA SER A 235 6.89 1.96 6.71
C SER A 235 7.98 2.53 5.80
N SER A 236 7.63 2.81 4.54
CA SER A 236 8.58 3.38 3.59
C SER A 236 9.11 4.75 4.03
N VAL A 237 8.23 5.58 4.61
CA VAL A 237 8.55 6.93 5.06
C VAL A 237 9.47 6.91 6.29
N HIS A 238 9.44 5.83 7.08
CA HIS A 238 10.30 5.70 8.26
C HIS A 238 11.73 5.41 7.86
N SER A 239 11.92 4.60 6.81
CA SER A 239 13.22 4.18 6.32
C SER A 239 13.60 4.85 5.00
N GLU A 240 13.04 6.03 4.69
CA GLU A 240 13.31 6.66 3.41
C GLU A 240 14.76 7.17 3.33
N GLN A 241 15.34 6.96 2.16
CA GLN A 241 16.74 7.31 1.85
C GLN A 241 16.97 8.81 1.70
N VAL A 242 18.11 9.29 2.22
CA VAL A 242 18.49 10.72 2.19
C VAL A 242 18.61 11.24 0.76
N PHE A 243 18.94 10.34 -0.18
CA PHE A 243 19.06 10.64 -1.63
C PHE A 243 17.71 10.55 -2.33
N ALA A 244 16.68 10.06 -1.64
CA ALA A 244 15.34 9.92 -2.21
C ALA A 244 14.29 10.79 -1.52
N LEU A 245 14.71 11.82 -0.77
CA LEU A 245 13.81 12.73 -0.02
C LEU A 245 12.88 13.51 -0.94
N ARG A 246 11.58 13.54 -0.58
CA ARG A 246 10.52 14.25 -1.33
C ARG A 246 10.01 15.42 -0.50
N LYS A 251 3.47 22.66 -1.29
CA LYS A 251 2.65 23.55 -2.12
C LYS A 251 2.20 22.87 -3.42
N LEU A 252 1.17 23.46 -4.07
CA LEU A 252 0.59 22.96 -5.31
C LEU A 252 1.61 22.90 -6.46
N PRO A 253 1.76 21.72 -7.12
CA PRO A 253 2.68 21.65 -8.27
C PRO A 253 2.18 22.50 -9.46
N PRO A 254 2.97 23.53 -9.87
CA PRO A 254 2.48 24.47 -10.91
C PRO A 254 2.12 23.87 -12.27
N LEU A 255 2.94 22.95 -12.79
CA LEU A 255 2.67 22.33 -14.11
C LEU A 255 1.43 21.42 -14.10
N LEU A 256 1.29 20.57 -13.06
CA LEU A 256 0.12 19.69 -12.90
C LEU A 256 -1.15 20.53 -12.70
N SER A 257 -1.04 21.66 -11.99
CA SER A 257 -2.16 22.61 -11.79
C SER A 257 -2.59 23.19 -13.15
N GLU A 258 -1.62 23.43 -14.05
CA GLU A 258 -1.90 24.01 -15.37
C GLU A 258 -2.68 23.07 -16.27
N ILE A 259 -2.46 21.76 -16.14
CA ILE A 259 -3.21 20.74 -16.89
C ILE A 259 -4.62 20.57 -16.25
N TRP A 260 -4.73 20.90 -14.95
CA TRP A 260 -5.93 20.86 -14.09
C TRP A 260 -6.28 19.47 -13.62
N GLN B 22 -26.83 -9.65 -7.22
CA GLN B 22 -26.86 -8.95 -8.53
C GLN B 22 -26.47 -7.46 -8.41
N LEU B 23 -25.93 -6.89 -9.50
CA LEU B 23 -25.51 -5.47 -9.51
C LEU B 23 -26.71 -4.55 -9.51
N THR B 24 -26.63 -3.49 -8.70
CA THR B 24 -27.64 -2.42 -8.61
C THR B 24 -27.54 -1.52 -9.86
N ALA B 25 -28.69 -0.99 -10.36
CA ALA B 25 -28.70 -0.17 -11.56
C ALA B 25 -27.85 1.07 -11.41
N ALA B 26 -27.84 1.64 -10.21
CA ALA B 26 -27.04 2.78 -9.82
C ALA B 26 -25.53 2.40 -9.94
N GLN B 27 -25.18 1.17 -9.55
CA GLN B 27 -23.79 0.66 -9.59
C GLN B 27 -23.38 0.47 -11.05
N GLU B 28 -24.25 -0.14 -11.85
CA GLU B 28 -23.99 -0.35 -13.29
C GLU B 28 -23.74 0.93 -14.04
N LEU B 29 -24.54 1.96 -13.73
CA LEU B 29 -24.43 3.33 -14.32
C LEU B 29 -23.03 3.91 -14.08
N MET B 30 -22.60 3.89 -12.82
CA MET B 30 -21.31 4.33 -12.30
C MET B 30 -20.16 3.62 -13.03
N ILE B 31 -20.28 2.30 -13.25
CA ILE B 31 -19.30 1.47 -13.94
C ILE B 31 -19.25 1.79 -15.44
N GLN B 32 -20.45 1.97 -16.05
CA GLN B 32 -20.62 2.33 -17.45
C GLN B 32 -19.88 3.63 -17.76
N GLN B 33 -19.97 4.60 -16.83
CA GLN B 33 -19.32 5.89 -16.95
C GLN B 33 -17.81 5.73 -16.89
N LEU B 34 -17.30 4.79 -16.04
CA LEU B 34 -15.87 4.53 -15.87
C LEU B 34 -15.28 3.96 -17.14
N VAL B 35 -15.94 2.95 -17.70
CA VAL B 35 -15.53 2.26 -18.91
C VAL B 35 -15.56 3.21 -20.14
N ALA B 36 -16.59 4.08 -20.23
CA ALA B 36 -16.70 5.03 -21.33
C ALA B 36 -15.56 6.03 -21.26
N ALA B 37 -15.25 6.57 -20.07
CA ALA B 37 -14.16 7.51 -19.86
C ALA B 37 -12.78 6.89 -20.17
N GLN B 38 -12.58 5.60 -19.80
CA GLN B 38 -11.37 4.83 -20.05
C GLN B 38 -11.16 4.68 -21.56
N LEU B 39 -12.21 4.27 -22.28
CA LEU B 39 -12.22 4.13 -23.74
C LEU B 39 -12.00 5.46 -24.48
N GLN B 40 -12.62 6.56 -24.00
CA GLN B 40 -12.47 7.90 -24.58
C GLN B 40 -11.05 8.47 -24.49
N CYS B 41 -10.47 8.41 -23.29
CA CYS B 41 -9.12 8.91 -23.02
C CYS B 41 -8.04 8.12 -23.75
N ASN B 42 -8.16 6.77 -23.80
CA ASN B 42 -7.21 5.93 -24.55
C ASN B 42 -7.26 6.28 -26.03
N LYS B 43 -8.49 6.36 -26.59
CA LYS B 43 -8.73 6.67 -28.03
C LYS B 43 -8.17 8.03 -28.41
N ARG B 44 -8.32 9.01 -27.51
CA ARG B 44 -7.83 10.37 -27.71
C ARG B 44 -6.30 10.44 -27.97
N SER B 45 -5.53 9.52 -27.39
CA SER B 45 -4.07 9.48 -27.50
C SER B 45 -3.50 8.72 -28.70
N PHE B 46 -4.34 7.98 -29.45
CA PHE B 46 -3.89 7.21 -30.62
C PHE B 46 -3.26 8.11 -31.69
N SER B 47 -3.83 9.31 -31.87
CA SER B 47 -3.37 10.29 -32.87
C SER B 47 -1.95 10.84 -32.59
N ASP B 48 -1.43 10.59 -31.37
CA ASP B 48 -0.10 11.02 -30.97
C ASP B 48 1.01 10.09 -31.48
N GLN B 49 0.66 8.87 -31.96
CA GLN B 49 1.62 7.88 -32.47
C GLN B 49 2.68 8.44 -33.47
N PRO B 50 2.32 9.20 -34.54
CA PRO B 50 3.39 9.71 -35.41
C PRO B 50 4.14 10.89 -34.79
N LYS B 51 3.49 11.62 -33.87
CA LYS B 51 4.05 12.81 -33.21
C LYS B 51 5.20 12.49 -32.23
N VAL B 52 5.30 11.24 -31.74
CA VAL B 52 6.38 10.90 -30.79
C VAL B 52 7.68 10.58 -31.53
N THR B 53 8.81 10.96 -30.91
CA THR B 53 10.14 10.75 -31.47
C THR B 53 10.31 9.27 -31.79
N PRO B 54 10.73 8.94 -33.03
CA PRO B 54 10.78 7.52 -33.42
C PRO B 54 11.80 6.67 -32.65
N TRP B 55 11.42 5.41 -32.40
CA TRP B 55 12.24 4.39 -31.76
C TRP B 55 13.36 3.99 -32.76
N PRO B 56 14.63 3.89 -32.31
CA PRO B 56 15.73 3.61 -33.26
C PRO B 56 15.67 2.25 -33.95
N ASP B 65 23.25 6.59 -27.90
CA ASP B 65 22.41 7.56 -28.59
C ASP B 65 21.09 6.89 -28.91
N ALA B 66 21.15 5.61 -29.22
CA ALA B 66 19.99 4.75 -29.35
C ALA B 66 19.31 4.70 -27.99
N ARG B 67 20.14 4.65 -26.97
CA ARG B 67 19.67 4.62 -25.61
C ARG B 67 18.98 5.94 -25.23
N GLN B 68 19.56 7.06 -25.61
CA GLN B 68 19.02 8.40 -25.33
C GLN B 68 17.69 8.60 -26.05
N GLN B 69 17.63 8.15 -27.32
CA GLN B 69 16.46 8.25 -28.16
C GLN B 69 15.32 7.41 -27.59
N ARG B 70 15.64 6.23 -27.04
CA ARG B 70 14.67 5.37 -26.38
C ARG B 70 14.16 6.05 -25.10
N PHE B 71 15.08 6.66 -24.33
CA PHE B 71 14.75 7.35 -23.08
C PHE B 71 13.82 8.52 -23.35
N ALA B 72 14.13 9.33 -24.37
CA ALA B 72 13.26 10.44 -24.80
C ALA B 72 11.88 9.94 -25.30
N HIS B 73 11.84 8.75 -25.92
CA HIS B 73 10.62 8.13 -26.44
C HIS B 73 9.69 7.74 -25.27
N PHE B 74 10.24 7.03 -24.26
CA PHE B 74 9.49 6.63 -23.08
C PHE B 74 9.01 7.87 -22.29
N THR B 75 9.81 8.94 -22.32
CA THR B 75 9.54 10.23 -21.66
C THR B 75 8.25 10.84 -22.22
N GLU B 76 8.16 10.91 -23.56
CA GLU B 76 7.07 11.48 -24.30
C GLU B 76 5.77 10.70 -24.06
N LEU B 77 5.91 9.39 -23.96
CA LEU B 77 4.85 8.44 -23.64
C LEU B 77 4.31 8.67 -22.22
N ALA B 78 5.20 9.07 -21.28
CA ALA B 78 4.81 9.34 -19.90
C ALA B 78 4.02 10.62 -19.83
N ILE B 79 4.44 11.62 -20.62
CA ILE B 79 3.78 12.92 -20.72
C ILE B 79 2.35 12.74 -21.17
N ILE B 80 2.14 11.91 -22.21
CA ILE B 80 0.83 11.60 -22.78
C ILE B 80 -0.02 10.89 -21.71
N SER B 81 0.58 9.93 -20.98
CA SER B 81 -0.05 9.17 -19.90
C SER B 81 -0.55 10.08 -18.79
N VAL B 82 0.21 11.16 -18.45
CA VAL B 82 -0.19 12.15 -17.44
C VAL B 82 -1.50 12.81 -17.90
N GLN B 83 -1.58 13.14 -19.21
CA GLN B 83 -2.76 13.78 -19.82
C GLN B 83 -4.00 12.90 -19.72
N GLU B 84 -3.85 11.61 -20.06
CA GLU B 84 -4.94 10.62 -20.01
C GLU B 84 -5.48 10.45 -18.61
N ILE B 85 -4.57 10.41 -17.63
CA ILE B 85 -4.89 10.25 -16.21
C ILE B 85 -5.69 11.44 -15.70
N VAL B 86 -5.24 12.67 -16.02
CA VAL B 86 -5.92 13.91 -15.62
C VAL B 86 -7.33 13.91 -16.25
N ASP B 87 -7.40 13.68 -17.57
CA ASP B 87 -8.63 13.59 -18.37
C ASP B 87 -9.61 12.52 -17.87
N PHE B 88 -9.08 11.35 -17.44
CA PHE B 88 -9.90 10.23 -16.94
C PHE B 88 -10.43 10.60 -15.59
N ALA B 89 -9.55 11.05 -14.66
CA ALA B 89 -9.96 11.41 -13.30
C ALA B 89 -11.10 12.42 -13.29
N LYS B 90 -11.05 13.39 -14.23
CA LYS B 90 -12.06 14.43 -14.37
C LYS B 90 -13.44 13.85 -14.66
N GLN B 91 -13.46 12.73 -15.38
CA GLN B 91 -14.63 11.96 -15.72
C GLN B 91 -15.04 10.90 -14.67
N VAL B 92 -14.31 10.78 -13.54
CA VAL B 92 -14.67 9.84 -12.48
C VAL B 92 -15.78 10.45 -11.63
N PRO B 93 -16.97 9.76 -11.53
CA PRO B 93 -18.07 10.36 -10.76
C PRO B 93 -17.66 10.74 -9.36
N GLY B 94 -17.87 12.01 -9.02
CA GLY B 94 -17.53 12.52 -7.71
C GLY B 94 -16.19 13.22 -7.60
N PHE B 95 -15.24 12.95 -8.50
CA PHE B 95 -13.90 13.58 -8.42
C PHE B 95 -14.01 15.11 -8.46
N LEU B 96 -14.78 15.64 -9.42
CA LEU B 96 -15.00 17.09 -9.58
C LEU B 96 -15.71 17.78 -8.41
N GLN B 97 -16.24 17.03 -7.42
CA GLN B 97 -16.88 17.72 -6.28
C GLN B 97 -15.90 17.96 -5.13
N LEU B 98 -14.66 17.42 -5.24
CA LEU B 98 -13.64 17.70 -4.21
C LEU B 98 -13.04 19.07 -4.48
N GLY B 99 -12.39 19.65 -3.48
CA GLY B 99 -11.64 20.90 -3.66
C GLY B 99 -10.55 20.76 -4.72
N ARG B 100 -10.20 21.88 -5.38
CA ARG B 100 -9.18 21.91 -6.46
C ARG B 100 -7.79 21.45 -5.96
N GLU B 101 -7.43 21.87 -4.74
CA GLU B 101 -6.16 21.53 -4.08
C GLU B 101 -6.04 20.01 -3.83
N ASP B 102 -7.13 19.40 -3.33
CA ASP B 102 -7.20 17.97 -3.05
C ASP B 102 -7.19 17.17 -4.35
N GLN B 103 -7.83 17.67 -5.39
CA GLN B 103 -7.87 17.03 -6.71
C GLN B 103 -6.45 16.80 -7.26
N ILE B 104 -5.62 17.86 -7.20
CA ILE B 104 -4.24 17.91 -7.68
C ILE B 104 -3.37 17.03 -6.79
N ALA B 105 -3.54 17.14 -5.46
CA ALA B 105 -2.82 16.35 -4.47
C ALA B 105 -3.05 14.84 -4.68
N LEU B 106 -4.29 14.46 -4.99
CA LEU B 106 -4.70 13.09 -5.27
C LEU B 106 -4.03 12.57 -6.56
N LEU B 107 -4.10 13.39 -7.61
CA LEU B 107 -3.50 13.10 -8.89
C LEU B 107 -1.97 13.08 -8.85
N LYS B 108 -1.36 13.87 -7.96
CA LYS B 108 0.09 13.93 -7.87
C LYS B 108 0.60 12.58 -7.35
N ALA B 109 0.03 12.11 -6.24
CA ALA B 109 0.50 10.87 -5.65
C ALA B 109 0.06 9.59 -6.38
N SER B 110 -1.00 9.63 -7.20
CA SER B 110 -1.46 8.40 -7.87
C SER B 110 -0.98 8.21 -9.29
N THR B 111 -0.48 9.27 -9.94
CA THR B 111 -0.04 9.19 -11.31
C THR B 111 0.89 7.98 -11.54
N ILE B 112 1.93 7.81 -10.70
CA ILE B 112 2.87 6.69 -10.90
C ILE B 112 2.14 5.32 -10.78
N GLU B 113 1.24 5.21 -9.82
CA GLU B 113 0.49 3.98 -9.57
C GLU B 113 -0.52 3.65 -10.65
N ILE B 114 -1.21 4.68 -11.20
CA ILE B 114 -2.14 4.47 -12.29
C ILE B 114 -1.34 4.08 -13.54
N MET B 115 -0.19 4.75 -13.78
CA MET B 115 0.70 4.38 -14.92
C MET B 115 1.06 2.88 -14.82
N LEU B 116 1.35 2.39 -13.60
CA LEU B 116 1.68 0.97 -13.37
C LEU B 116 0.49 0.06 -13.61
N LEU B 117 -0.69 0.44 -13.11
CA LEU B 117 -1.94 -0.30 -13.28
C LEU B 117 -2.27 -0.41 -14.78
N GLU B 118 -2.11 0.70 -15.49
CA GLU B 118 -2.36 0.81 -16.90
C GLU B 118 -1.36 -0.01 -17.72
N THR B 119 -0.08 -0.06 -17.28
CA THR B 119 0.99 -0.86 -17.91
C THR B 119 0.59 -2.33 -17.82
N ALA B 120 0.15 -2.78 -16.65
CA ALA B 120 -0.36 -4.14 -16.43
C ALA B 120 -1.54 -4.52 -17.35
N ARG B 121 -2.49 -3.59 -17.55
CA ARG B 121 -3.65 -3.85 -18.41
C ARG B 121 -3.19 -4.06 -19.87
N ARG B 122 -2.11 -3.37 -20.25
CA ARG B 122 -1.54 -3.38 -21.59
C ARG B 122 -0.44 -4.44 -21.75
N TYR B 123 -0.32 -5.35 -20.77
CA TYR B 123 0.66 -6.43 -20.80
C TYR B 123 0.06 -7.74 -21.33
N ASN B 124 0.76 -8.35 -22.28
CA ASN B 124 0.41 -9.62 -22.93
C ASN B 124 1.40 -10.68 -22.42
N HIS B 125 0.91 -11.78 -21.81
CA HIS B 125 1.82 -12.77 -21.24
C HIS B 125 2.27 -13.86 -22.24
N GLU B 126 1.58 -13.98 -23.38
CA GLU B 126 1.99 -14.92 -24.43
C GLU B 126 3.28 -14.40 -25.06
N THR B 127 3.26 -13.13 -25.50
CA THR B 127 4.40 -12.46 -26.13
C THR B 127 5.33 -11.85 -25.10
N GLU B 128 4.86 -11.74 -23.83
CA GLU B 128 5.57 -11.12 -22.70
C GLU B 128 5.90 -9.64 -23.00
N CYS B 129 5.03 -8.97 -23.77
CA CYS B 129 5.20 -7.57 -24.20
C CYS B 129 4.09 -6.62 -23.70
N ILE B 130 4.39 -5.32 -23.74
CA ILE B 130 3.51 -4.23 -23.32
C ILE B 130 3.16 -3.35 -24.52
N THR B 131 1.86 -3.15 -24.76
CA THR B 131 1.34 -2.28 -25.82
C THR B 131 1.05 -0.88 -25.26
N PHE B 132 1.79 0.12 -25.73
CA PHE B 132 1.55 1.51 -25.38
C PHE B 132 0.84 2.15 -26.57
N LEU B 133 0.03 3.20 -26.33
CA LEU B 133 -0.89 3.78 -27.33
C LEU B 133 -1.77 2.61 -27.85
N LYS B 134 -1.75 2.17 -29.12
CA LYS B 134 -2.44 0.88 -29.40
C LYS B 134 -1.80 0.01 -30.48
N ASP B 135 -0.55 0.31 -30.83
CA ASP B 135 0.23 -0.44 -31.84
C ASP B 135 1.65 -0.67 -31.35
N PHE B 136 2.20 0.30 -30.62
CA PHE B 136 3.56 0.33 -30.08
C PHE B 136 3.81 -0.77 -29.02
N THR B 137 4.61 -1.77 -29.39
CA THR B 137 4.93 -2.93 -28.58
C THR B 137 6.36 -2.85 -28.03
N TYR B 138 6.52 -3.19 -26.73
CA TYR B 138 7.80 -3.15 -26.02
C TYR B 138 7.98 -4.39 -25.16
N SER B 139 9.21 -4.92 -25.15
CA SER B 139 9.57 -6.11 -24.37
C SER B 139 10.44 -5.67 -23.21
N LYS B 140 10.68 -6.60 -22.27
CA LYS B 140 11.51 -6.33 -21.10
C LYS B 140 12.88 -5.75 -21.50
N ASP B 141 13.53 -6.33 -22.52
CA ASP B 141 14.87 -5.87 -22.97
C ASP B 141 14.86 -4.44 -23.53
N ASP B 142 13.77 -4.03 -24.20
CA ASP B 142 13.63 -2.67 -24.73
C ASP B 142 13.70 -1.60 -23.63
N PHE B 143 13.16 -1.91 -22.43
CA PHE B 143 13.21 -0.99 -21.28
C PHE B 143 14.64 -0.98 -20.75
N HIS B 144 15.27 -2.18 -20.67
CA HIS B 144 16.66 -2.33 -20.22
C HIS B 144 17.63 -1.57 -21.14
N ARG B 145 17.38 -1.62 -22.46
CA ARG B 145 18.16 -0.92 -23.49
C ARG B 145 17.96 0.61 -23.50
N ALA B 146 16.99 1.11 -22.72
CA ALA B 146 16.74 2.54 -22.61
C ALA B 146 17.50 3.17 -21.44
N GLY B 147 18.22 2.34 -20.68
CA GLY B 147 19.03 2.79 -19.55
C GLY B 147 18.34 2.70 -18.22
N LEU B 148 17.18 2.04 -18.19
CA LEU B 148 16.39 1.86 -16.99
C LEU B 148 16.91 0.69 -16.20
N GLN B 149 17.00 0.85 -14.87
CA GLN B 149 17.60 -0.12 -13.97
C GLN B 149 16.75 -1.34 -13.72
N VAL B 150 17.42 -2.51 -13.58
CA VAL B 150 16.78 -3.79 -13.34
C VAL B 150 15.98 -3.75 -12.02
N GLU B 151 16.43 -2.89 -11.09
CA GLU B 151 15.82 -2.67 -9.78
C GLU B 151 14.35 -2.25 -9.92
N PHE B 152 14.01 -1.57 -11.03
CA PHE B 152 12.66 -1.08 -11.29
C PHE B 152 11.93 -1.81 -12.41
N ILE B 153 12.63 -2.18 -13.49
CA ILE B 153 12.02 -2.89 -14.60
C ILE B 153 11.53 -4.28 -14.16
N ASN B 154 12.32 -4.98 -13.31
CA ASN B 154 11.94 -6.32 -12.85
C ASN B 154 10.61 -6.29 -12.08
N PRO B 155 10.46 -5.45 -11.01
CA PRO B 155 9.16 -5.35 -10.33
C PRO B 155 7.97 -5.00 -11.25
N ILE B 156 8.15 -4.13 -12.27
CA ILE B 156 7.11 -3.77 -13.26
C ILE B 156 6.57 -4.99 -13.94
N PHE B 157 7.46 -5.84 -14.46
CA PHE B 157 7.05 -7.06 -15.17
C PHE B 157 6.49 -8.11 -14.23
N GLU B 158 7.04 -8.22 -13.00
CA GLU B 158 6.50 -9.14 -11.97
C GLU B 158 5.04 -8.73 -11.63
N PHE B 159 4.81 -7.42 -11.44
CA PHE B 159 3.48 -6.84 -11.17
C PHE B 159 2.51 -7.08 -12.33
N SER B 160 2.95 -6.84 -13.56
CA SER B 160 2.15 -7.09 -14.73
C SER B 160 1.73 -8.56 -14.83
N ARG B 161 2.66 -9.50 -14.55
CA ARG B 161 2.41 -10.94 -14.58
C ARG B 161 1.38 -11.35 -13.52
N ALA B 162 1.56 -10.85 -12.29
CA ALA B 162 0.64 -11.11 -11.17
C ALA B 162 -0.77 -10.56 -11.48
N MET B 163 -0.85 -9.38 -12.10
CA MET B 163 -2.13 -8.77 -12.50
C MET B 163 -2.81 -9.66 -13.55
N ARG B 164 -2.03 -10.13 -14.54
CA ARG B 164 -2.50 -11.01 -15.64
C ARG B 164 -3.19 -12.27 -15.12
N ARG B 165 -2.61 -12.90 -14.08
CA ARG B 165 -3.17 -14.11 -13.47
C ARG B 165 -4.55 -13.90 -12.84
N LEU B 166 -4.84 -12.64 -12.43
CA LEU B 166 -6.12 -12.28 -11.82
C LEU B 166 -7.24 -12.17 -12.86
N GLY B 167 -6.85 -12.10 -14.11
CA GLY B 167 -7.71 -12.00 -15.26
C GLY B 167 -8.71 -10.86 -15.20
N LEU B 168 -8.24 -9.65 -14.92
CA LEU B 168 -9.16 -8.51 -14.81
C LEU B 168 -9.69 -8.09 -16.16
N ASP B 169 -10.95 -7.60 -16.19
CA ASP B 169 -11.47 -7.00 -17.43
C ASP B 169 -11.31 -5.47 -17.35
N ASP B 170 -11.78 -4.75 -18.38
CA ASP B 170 -11.72 -3.28 -18.44
C ASP B 170 -12.42 -2.60 -17.27
N ALA B 171 -13.57 -3.13 -16.82
CA ALA B 171 -14.32 -2.62 -15.69
C ALA B 171 -13.58 -2.75 -14.37
N GLU B 172 -12.92 -3.92 -14.16
CA GLU B 172 -12.19 -4.18 -12.93
C GLU B 172 -10.99 -3.24 -12.76
N TYR B 173 -10.29 -2.93 -13.86
CA TYR B 173 -9.16 -1.98 -13.84
C TYR B 173 -9.67 -0.55 -13.57
N ALA B 174 -10.75 -0.14 -14.28
CA ALA B 174 -11.34 1.19 -14.13
C ALA B 174 -11.79 1.40 -12.69
N LEU B 175 -12.40 0.38 -12.08
CA LEU B 175 -12.79 0.40 -10.65
C LEU B 175 -11.58 0.55 -9.74
N LEU B 176 -10.54 -0.28 -9.99
CA LEU B 176 -9.31 -0.29 -9.15
C LEU B 176 -8.57 1.05 -9.22
N ILE B 177 -8.51 1.64 -10.41
CA ILE B 177 -7.93 2.99 -10.65
C ILE B 177 -8.71 4.08 -9.84
N ALA B 178 -10.06 4.05 -9.85
CA ALA B 178 -10.94 4.95 -9.06
C ALA B 178 -10.68 4.82 -7.59
N ILE B 179 -10.55 3.56 -7.10
CA ILE B 179 -10.27 3.30 -5.68
C ILE B 179 -8.91 3.92 -5.33
N ASN B 180 -7.92 3.72 -6.21
CA ASN B 180 -6.55 4.23 -6.04
C ASN B 180 -6.54 5.77 -5.96
N ILE B 181 -7.22 6.45 -6.90
CA ILE B 181 -7.39 7.94 -6.94
C ILE B 181 -7.96 8.44 -5.61
N PHE B 182 -9.04 7.82 -5.12
CA PHE B 182 -9.61 8.25 -3.84
C PHE B 182 -8.92 7.66 -2.61
N SER B 183 -7.61 7.93 -2.44
CA SER B 183 -6.86 7.49 -1.27
C SER B 183 -6.71 8.64 -0.25
N ALA B 184 -7.33 8.53 0.92
CA ALA B 184 -7.34 9.60 1.94
C ALA B 184 -5.99 9.91 2.60
N ASP B 185 -5.05 8.95 2.60
CA ASP B 185 -3.75 9.04 3.30
C ASP B 185 -2.65 9.77 2.50
N ARG B 186 -2.99 10.23 1.31
CA ARG B 186 -2.05 10.94 0.43
CA ARG B 186 -2.05 10.94 0.45
C ARG B 186 -1.57 12.25 1.05
N PRO B 187 -0.30 12.66 0.78
CA PRO B 187 0.17 13.96 1.32
C PRO B 187 -0.61 15.18 0.81
N ASN B 188 -0.72 16.19 1.68
CA ASN B 188 -1.37 17.50 1.42
C ASN B 188 -2.86 17.40 1.12
N VAL B 189 -3.55 16.38 1.67
CA VAL B 189 -5.00 16.22 1.46
C VAL B 189 -5.70 16.90 2.63
N GLN B 190 -6.48 17.93 2.31
CA GLN B 190 -7.18 18.78 3.30
C GLN B 190 -8.49 18.22 3.82
N GLU B 191 -9.24 17.48 2.99
CA GLU B 191 -10.53 16.88 3.39
C GLU B 191 -10.49 15.34 3.27
N PRO B 192 -9.68 14.63 4.08
CA PRO B 192 -9.59 13.16 3.94
C PRO B 192 -10.90 12.37 4.16
N GLY B 193 -11.84 12.94 4.93
CA GLY B 193 -13.13 12.32 5.19
C GLY B 193 -13.95 12.27 3.92
N ARG B 194 -13.94 13.36 3.14
CA ARG B 194 -14.64 13.45 1.88
C ARG B 194 -14.03 12.52 0.81
N VAL B 195 -12.69 12.40 0.79
CA VAL B 195 -11.98 11.51 -0.13
C VAL B 195 -12.35 10.06 0.16
N GLU B 196 -12.34 9.69 1.44
CA GLU B 196 -12.63 8.36 1.89
C GLU B 196 -14.06 7.97 1.58
N ALA B 197 -15.02 8.85 1.87
CA ALA B 197 -16.43 8.63 1.57
C ALA B 197 -16.66 8.42 0.10
N LEU B 198 -15.90 9.10 -0.77
CA LEU B 198 -16.00 8.89 -2.21
C LEU B 198 -15.39 7.56 -2.69
N GLN B 199 -14.41 7.02 -1.95
CA GLN B 199 -13.79 5.72 -2.33
C GLN B 199 -14.80 4.58 -2.12
N GLN B 200 -15.59 4.68 -1.04
CA GLN B 200 -16.58 3.69 -0.60
CA GLN B 200 -16.55 3.66 -0.62
C GLN B 200 -17.43 3.13 -1.76
N PRO B 201 -18.14 3.96 -2.58
CA PRO B 201 -18.96 3.35 -3.64
C PRO B 201 -18.18 2.51 -4.62
N TYR B 202 -16.92 2.91 -4.87
CA TYR B 202 -16.07 2.18 -5.83
C TYR B 202 -15.64 0.82 -5.28
N VAL B 203 -15.33 0.74 -3.98
CA VAL B 203 -14.95 -0.53 -3.30
C VAL B 203 -16.19 -1.47 -3.31
N GLU B 204 -17.36 -0.90 -2.96
CA GLU B 204 -18.66 -1.56 -2.98
C GLU B 204 -18.97 -2.14 -4.34
N ALA B 205 -18.85 -1.31 -5.38
CA ALA B 205 -19.11 -1.74 -6.75
C ALA B 205 -18.16 -2.86 -7.14
N LEU B 206 -16.89 -2.78 -6.70
CA LEU B 206 -15.92 -3.83 -7.02
C LEU B 206 -16.28 -5.12 -6.33
N LEU B 207 -16.64 -5.04 -5.04
CA LEU B 207 -17.09 -6.19 -4.25
C LEU B 207 -18.24 -6.86 -5.03
N SER B 208 -19.31 -6.09 -5.40
CA SER B 208 -20.48 -6.60 -6.17
C SER B 208 -20.09 -7.17 -7.49
N TYR B 209 -19.28 -6.43 -8.28
CA TYR B 209 -18.88 -6.86 -9.62
C TYR B 209 -18.12 -8.20 -9.58
N THR B 210 -17.21 -8.38 -8.59
CA THR B 210 -16.37 -9.57 -8.47
C THR B 210 -17.20 -10.81 -8.06
N ARG B 211 -18.16 -10.62 -7.14
CA ARG B 211 -19.02 -11.69 -6.66
CA ARG B 211 -19.03 -11.69 -6.66
C ARG B 211 -19.85 -12.32 -7.79
N ILE B 212 -20.32 -11.49 -8.75
CA ILE B 212 -21.10 -11.93 -9.91
C ILE B 212 -20.22 -12.63 -10.98
N LYS B 213 -19.04 -12.08 -11.27
CA LYS B 213 -18.10 -12.61 -12.26
C LYS B 213 -17.54 -13.99 -11.89
N ARG B 214 -17.09 -14.17 -10.65
CA ARG B 214 -16.56 -15.45 -10.16
C ARG B 214 -17.25 -15.77 -8.83
N PRO B 215 -18.49 -16.34 -8.86
CA PRO B 215 -19.20 -16.59 -7.60
C PRO B 215 -18.51 -17.60 -6.71
N GLN B 216 -17.72 -18.52 -7.28
CA GLN B 216 -17.05 -19.55 -6.49
C GLN B 216 -15.63 -19.14 -6.02
N ASP B 217 -14.97 -18.10 -6.60
CA ASP B 217 -13.63 -17.74 -6.11
C ASP B 217 -13.72 -17.08 -4.74
N GLN B 218 -14.12 -15.82 -4.66
CA GLN B 218 -14.28 -15.05 -3.40
C GLN B 218 -12.97 -14.50 -2.83
N LEU B 219 -11.85 -15.15 -3.11
CA LEU B 219 -10.55 -14.64 -2.69
C LEU B 219 -9.99 -13.69 -3.75
N ARG B 220 -10.65 -13.61 -4.91
CA ARG B 220 -10.22 -12.78 -6.05
C ARG B 220 -10.27 -11.27 -5.72
N PHE B 221 -11.37 -10.83 -5.10
CA PHE B 221 -11.60 -9.46 -4.67
C PHE B 221 -10.50 -9.01 -3.69
N PRO B 222 -10.27 -9.70 -2.54
CA PRO B 222 -9.14 -9.31 -1.67
C PRO B 222 -7.81 -9.33 -2.37
N ARG B 223 -7.62 -10.27 -3.32
CA ARG B 223 -6.37 -10.37 -4.08
C ARG B 223 -6.13 -9.10 -4.90
N MET B 224 -7.24 -8.49 -5.37
CA MET B 224 -7.20 -7.22 -6.15
C MET B 224 -6.81 -6.07 -5.30
N LEU B 225 -7.44 -5.96 -4.14
CA LEU B 225 -7.20 -4.88 -3.18
C LEU B 225 -5.76 -4.94 -2.68
N MET B 226 -5.19 -6.16 -2.58
CA MET B 226 -3.82 -6.36 -2.14
C MET B 226 -2.80 -5.84 -3.14
N LYS B 227 -3.21 -5.70 -4.39
CA LYS B 227 -2.37 -5.13 -5.43
C LYS B 227 -2.19 -3.64 -5.20
N LEU B 228 -3.10 -3.01 -4.44
CA LEU B 228 -2.96 -1.60 -4.09
C LEU B 228 -1.78 -1.44 -3.08
N VAL B 229 -1.55 -2.48 -2.28
CA VAL B 229 -0.44 -2.56 -1.31
C VAL B 229 0.86 -2.62 -2.10
N SER B 230 0.91 -3.50 -3.13
CA SER B 230 2.07 -3.67 -4.04
C SER B 230 2.43 -2.38 -4.74
N LEU B 231 1.40 -1.62 -5.13
CA LEU B 231 1.55 -0.33 -5.80
C LEU B 231 2.27 0.66 -4.90
N ARG B 232 1.99 0.63 -3.58
CA ARG B 232 2.67 1.54 -2.65
C ARG B 232 4.19 1.37 -2.68
N THR B 233 4.65 0.12 -2.61
CA THR B 233 6.04 -0.29 -2.66
C THR B 233 6.66 0.09 -4.00
N LEU B 234 5.94 -0.17 -5.11
CA LEU B 234 6.43 0.15 -6.44
C LEU B 234 6.71 1.64 -6.58
N SER B 235 5.79 2.49 -6.09
CA SER B 235 5.98 3.93 -6.09
C SER B 235 7.25 4.33 -5.27
N SER B 236 7.47 3.66 -4.13
CA SER B 236 8.62 3.87 -3.25
C SER B 236 9.92 3.45 -3.94
N VAL B 237 9.90 2.31 -4.67
CA VAL B 237 11.05 1.82 -5.44
C VAL B 237 11.35 2.84 -6.52
N HIS B 238 10.30 3.29 -7.25
CA HIS B 238 10.43 4.33 -8.27
C HIS B 238 11.15 5.60 -7.75
N SER B 239 10.79 6.08 -6.54
CA SER B 239 11.40 7.29 -5.95
C SER B 239 12.91 7.11 -5.63
N GLU B 240 13.35 5.88 -5.38
CA GLU B 240 14.76 5.53 -5.18
C GLU B 240 15.49 5.42 -6.53
N GLN B 241 14.77 4.99 -7.57
CA GLN B 241 15.30 4.83 -8.94
C GLN B 241 15.32 6.14 -9.70
N VAL B 242 14.58 7.13 -9.19
CA VAL B 242 14.52 8.49 -9.74
C VAL B 242 15.95 9.13 -9.59
N PHE B 243 16.78 8.60 -8.67
CA PHE B 243 18.17 9.05 -8.44
C PHE B 243 19.07 8.79 -9.65
N ALA B 244 19.00 7.57 -10.22
CA ALA B 244 19.73 7.12 -11.43
C ALA B 244 19.57 8.05 -12.64
N LEU B 245 18.51 8.85 -12.64
CA LEU B 245 18.20 9.80 -13.71
C LEU B 245 19.02 11.07 -13.56
N ARG B 246 19.52 11.36 -12.34
CA ARG B 246 20.36 12.53 -12.09
C ARG B 246 21.75 12.40 -12.72
N LEU B 247 22.14 11.16 -13.08
CA LEU B 247 23.44 10.83 -13.67
C LEU B 247 23.57 11.20 -15.15
N GLN B 248 22.53 10.92 -15.95
N GLN B 248 22.54 10.90 -15.97
CA GLN B 248 22.54 11.24 -17.38
CA GLN B 248 22.60 11.21 -17.40
C GLN B 248 22.42 12.74 -17.63
C GLN B 248 22.43 12.73 -17.64
N ASP B 249 23.14 13.24 -18.65
CA ASP B 249 23.22 14.66 -19.00
C ASP B 249 21.89 15.30 -19.43
N LYS B 250 21.03 14.52 -20.10
CA LYS B 250 19.73 15.05 -20.49
C LYS B 250 18.79 15.06 -19.25
N LYS B 251 18.20 16.22 -18.97
CA LYS B 251 17.30 16.38 -17.82
C LYS B 251 15.85 16.06 -18.25
N LEU B 252 15.04 15.58 -17.29
CA LEU B 252 13.62 15.25 -17.49
C LEU B 252 12.80 16.52 -17.77
N PRO B 253 11.79 16.44 -18.66
CA PRO B 253 10.97 17.64 -18.92
C PRO B 253 10.33 18.20 -17.65
N PRO B 254 10.11 19.52 -17.58
CA PRO B 254 9.57 20.13 -16.35
C PRO B 254 8.39 19.37 -15.69
N LEU B 255 7.43 18.88 -16.49
CA LEU B 255 6.25 18.18 -16.00
C LEU B 255 6.60 16.91 -15.22
N LEU B 256 7.30 15.98 -15.88
CA LEU B 256 7.72 14.70 -15.33
C LEU B 256 8.64 14.84 -14.12
N SER B 257 9.58 15.80 -14.19
CA SER B 257 10.54 16.10 -13.11
C SER B 257 9.82 16.60 -11.83
N GLU B 258 8.66 17.24 -11.99
CA GLU B 258 7.84 17.79 -10.93
C GLU B 258 7.03 16.68 -10.23
N ILE B 259 6.22 15.94 -11.00
CA ILE B 259 5.36 14.85 -10.49
C ILE B 259 6.17 13.76 -9.79
N TRP B 260 7.37 13.44 -10.32
CA TRP B 260 8.21 12.38 -9.77
C TRP B 260 9.26 12.85 -8.75
N ASP B 261 9.61 14.16 -8.73
CA ASP B 261 10.57 14.76 -7.77
C ASP B 261 10.46 16.28 -7.76
C1 BU1 C . 0.48 -10.19 17.74
C2 BU1 C . 1.49 -10.16 18.90
C3 BU1 C . 2.85 -10.70 18.50
C4 BU1 C . 3.64 -9.67 17.68
O5 BU1 C . -0.46 -9.16 17.89
O6 BU1 C . 4.42 -8.93 18.58
C1 BU1 D . -3.74 -12.15 -1.16
C2 BU1 D . -2.98 -12.24 -2.49
C3 BU1 D . -2.07 -11.08 -2.81
C4 BU1 D . -2.42 -10.43 -4.16
O5 BU1 D . -4.97 -11.50 -1.33
O6 BU1 D . -1.25 -10.25 -4.91
C25 652 E . 7.26 -5.35 23.26
S1 652 E . 6.39 -3.78 23.47
O2 652 E . 4.89 -4.02 24.14
O3 652 E . 7.25 -2.76 24.45
C24 652 E . 6.13 -2.94 21.88
C26 652 E . 7.08 -2.00 21.49
C23 652 E . 5.03 -3.25 21.08
C22 652 E . 4.85 -2.60 19.88
C21 652 E . 5.77 -1.64 19.47
C20 652 E . 6.90 -1.35 20.27
C19 652 E . 7.91 -0.29 19.83
C28 652 E . 8.56 -0.40 18.60
C27 652 E . 9.46 0.59 18.22
C18 652 E . 8.17 0.79 20.67
C17 652 E . 9.09 1.78 20.29
C16 652 E . 9.73 1.68 19.06
N2 652 E . 10.66 2.72 18.62
C15 652 E . 11.96 2.65 18.71
C11 652 E . 12.49 3.82 18.17
C12 652 E . 13.96 4.21 18.08
C13 652 E . 14.13 5.68 18.43
C14 652 E . 14.48 3.95 16.68
O1 652 E . 14.71 3.44 18.98
N1 652 E . 11.45 4.53 17.75
C10 652 E . 10.33 3.89 18.02
C7 652 E . 8.94 4.45 17.72
C8 652 E . 8.37 4.99 19.04
C9 652 E . 9.00 5.65 16.76
C6 652 E . 8.01 3.38 17.08
C4 652 E . 6.75 3.14 17.64
C3 652 E . 5.89 2.20 17.11
C2 652 E . 6.27 1.47 15.99
C1 652 E . 7.53 1.68 15.42
C5 652 E . 8.40 2.64 15.94
CL1 652 E . 10.00 2.82 15.16
C1 BU1 F . -8.15 4.12 -17.25
C2 BU1 F . -7.49 5.27 -18.02
C3 BU1 F . -6.43 5.92 -17.14
C4 BU1 F . -5.52 6.81 -17.96
O5 BU1 F . -7.54 2.91 -17.65
O6 BU1 F . -4.91 6.00 -18.93
C25 652 G . 1.84 5.70 -24.13
S1 652 G . 0.50 5.32 -23.02
O2 652 G . -0.46 6.65 -22.86
O3 652 G . -0.35 4.05 -23.59
C24 652 G . 1.10 4.88 -21.36
C26 652 G . 2.40 5.17 -21.00
C23 652 G . 0.24 4.23 -20.47
C22 652 G . 0.69 3.87 -19.20
C21 652 G . 2.00 4.17 -18.83
C20 652 G . 2.85 4.84 -19.73
C19 652 G . 4.29 5.17 -19.35
C28 652 G . 5.34 4.94 -20.26
C27 652 G . 6.65 5.24 -19.89
C18 652 G . 4.57 5.70 -18.08
C17 652 G . 5.89 6.00 -17.74
C16 652 G . 6.93 5.78 -18.64
N2 652 G . 8.32 6.06 -18.24
C15 652 G . 8.95 7.22 -18.40
C11 652 G . 10.22 7.10 -17.86
C12 652 G . 11.35 8.10 -17.87
C13 652 G . 12.20 7.73 -19.08
C14 652 G . 12.18 8.01 -16.60
O1 652 G . 10.92 9.41 -18.05
N1 652 G . 10.31 5.85 -17.41
C10 652 G . 9.17 5.23 -17.61
C7 652 G . 8.97 3.75 -17.26
C8 652 G . 9.22 2.97 -18.55
C9 652 G . 10.07 3.26 -16.29
C6 652 G . 7.59 3.41 -16.66
C4 652 G . 6.80 2.43 -17.29
C3 652 G . 5.57 2.09 -16.77
C2 652 G . 5.08 2.76 -15.65
C1 652 G . 5.85 3.71 -15.01
C5 652 G . 7.11 4.04 -15.52
CL1 652 G . 8.00 5.34 -14.68
#